data_6GWA
#
_entry.id   6GWA
#
_cell.length_a   82.250
_cell.length_b   82.250
_cell.length_c   103.400
_cell.angle_alpha   90.00
_cell.angle_beta   90.00
_cell.angle_gamma   120.00
#
_symmetry.space_group_name_H-M   'P 61'
#
loop_
_entity.id
_entity.type
_entity.pdbx_description
1 polymer 'Concanavalin B'
2 water water
#
_entity_poly.entity_id   1
_entity_poly.type   'polypeptide(L)'
_entity_poly.pdbx_seq_one_letter_code
;DISSTEIAVYWGQREDGLLRDTCKTNNYKIVFISFLDKFGCEIRKPELELEGVCGPSVGNPCSFLESQIKECQRMGVKVF
LALGGPKGTYSACSADYAKDLAEYLHTYFLSERREGPLGKVALDGIHFDIQKPVDELNWDNLLEELYQIKDVYQSTFLLS
AAPGCLSPDEYLDNAIQTRHFDYIFVRFYNDRSCQYSTGNIQRIRNAWLSWTKSVYPRDKNLFLELPASQATAPGGGYIP
PSALIGQVLPYLPDLQTRYAGIALWNRQADKETGYSTNIIRYLNATAMPFTSNLLKYPS
;
_entity_poly.pdbx_strand_id   A
#
# COMPACT_ATOMS: atom_id res chain seq x y z
N ASP A 1 17.60 10.50 2.27
CA ASP A 1 18.60 10.05 1.30
C ASP A 1 18.54 8.53 1.10
N ILE A 2 19.53 7.96 0.40
CA ILE A 2 19.48 6.54 0.07
C ILE A 2 19.59 5.68 1.32
N SER A 3 20.48 6.06 2.24
CA SER A 3 20.75 5.23 3.42
C SER A 3 19.55 5.13 4.37
N SER A 4 18.65 6.12 4.35
CA SER A 4 17.49 6.09 5.23
C SER A 4 16.27 5.37 4.59
N THR A 5 16.47 4.64 3.50
CA THR A 5 15.41 3.88 2.82
C THR A 5 14.57 3.01 3.78
N GLU A 6 13.26 3.20 3.78
CA GLU A 6 12.35 2.25 4.42
C GLU A 6 11.71 1.32 3.38
N ILE A 7 11.54 0.04 3.74
CA ILE A 7 10.94 -0.92 2.81
C ILE A 7 9.56 -1.39 3.30
N ALA A 8 8.60 -1.38 2.37
CA ALA A 8 7.26 -1.91 2.62
C ALA A 8 7.06 -3.16 1.78
N VAL A 9 6.11 -4.01 2.16
CA VAL A 9 5.84 -5.23 1.41
C VAL A 9 4.35 -5.60 1.52
N TYR A 10 3.78 -6.15 0.44
CA TYR A 10 2.40 -6.64 0.47
C TYR A 10 2.37 -8.09 0.96
N TRP A 11 1.40 -8.40 1.82
CA TRP A 11 1.23 -9.75 2.40
C TRP A 11 -0.24 -10.17 2.38
N GLY A 12 -0.52 -11.44 2.08
CA GLY A 12 -1.90 -11.93 2.13
C GLY A 12 -2.26 -13.17 1.32
N GLN A 13 -1.26 -13.90 0.83
CA GLN A 13 -1.46 -15.16 0.11
C GLN A 13 -0.83 -16.35 0.81
N ARG A 14 -1.28 -17.56 0.47
CA ARG A 14 -0.78 -18.78 1.09
C ARG A 14 0.73 -18.90 1.02
N GLU A 15 1.29 -18.58 -0.15
CA GLU A 15 2.72 -18.70 -0.38
C GLU A 15 3.57 -17.65 0.36
N ASP A 16 2.93 -16.70 1.02
CA ASP A 16 3.70 -15.64 1.68
C ASP A 16 4.30 -16.13 3.01
N GLY A 17 3.82 -17.27 3.51
CA GLY A 17 4.17 -17.72 4.85
C GLY A 17 3.42 -16.92 5.92
N LEU A 18 3.77 -17.11 7.19
CA LEU A 18 3.06 -16.48 8.29
C LEU A 18 3.40 -14.98 8.41
N LEU A 19 2.42 -14.19 8.85
CA LEU A 19 2.65 -12.77 9.06
C LEU A 19 3.75 -12.54 10.10
N ARG A 20 3.71 -13.30 11.18
CA ARG A 20 4.71 -13.21 12.24
C ARG A 20 6.13 -13.44 11.70
N ASP A 21 6.29 -14.45 10.86
CA ASP A 21 7.62 -14.77 10.31
C ASP A 21 8.07 -13.66 9.36
N THR A 22 7.12 -13.07 8.63
CA THR A 22 7.45 -11.96 7.74
C THR A 22 8.04 -10.77 8.51
N CYS A 23 7.44 -10.45 9.66
CA CYS A 23 7.92 -9.34 10.50
C CYS A 23 9.29 -9.63 11.13
N LYS A 24 9.45 -10.82 11.70
CA LYS A 24 10.70 -11.25 12.32
C LYS A 24 11.94 -11.31 11.38
N THR A 25 11.75 -11.17 10.08
CA THR A 25 12.88 -11.06 9.16
C THR A 25 13.65 -9.78 9.44
N ASN A 26 12.95 -8.79 9.97
CA ASN A 26 13.48 -7.44 10.21
C ASN A 26 13.92 -6.69 8.95
N ASN A 27 13.48 -7.15 7.78
CA ASN A 27 13.70 -6.48 6.50
C ASN A 27 12.72 -5.33 6.19
N TYR A 28 11.58 -5.30 6.90
CA TYR A 28 10.48 -4.42 6.53
C TYR A 28 10.12 -3.45 7.65
N LYS A 29 9.69 -2.23 7.31
CA LYS A 29 9.17 -1.31 8.31
C LYS A 29 7.65 -1.13 8.18
N ILE A 30 7.09 -1.55 7.03
CA ILE A 30 5.64 -1.49 6.78
C ILE A 30 5.14 -2.78 6.10
N VAL A 31 4.02 -3.31 6.55
CA VAL A 31 3.38 -4.45 5.89
C VAL A 31 1.92 -4.13 5.55
N PHE A 32 1.53 -4.35 4.29
CA PHE A 32 0.13 -4.22 3.88
C PHE A 32 -0.58 -5.57 3.93
N ILE A 33 -1.62 -5.67 4.75
CA ILE A 33 -2.48 -6.85 4.67
C ILE A 33 -3.42 -6.66 3.49
N SER A 34 -3.34 -7.58 2.52
CA SER A 34 -3.95 -7.41 1.20
C SER A 34 -4.84 -8.59 0.79
N PHE A 35 -6.13 -8.35 0.47
CA PHE A 35 -6.77 -7.03 0.41
C PHE A 35 -8.19 -7.17 0.95
N LEU A 36 -8.76 -6.06 1.40
CA LEU A 36 -10.22 -5.96 1.56
C LEU A 36 -10.80 -5.56 0.20
N ASP A 37 -11.37 -6.51 -0.54
CA ASP A 37 -11.65 -6.28 -1.96
C ASP A 37 -13.10 -6.51 -2.39
N LYS A 38 -14.01 -6.62 -1.45
CA LYS A 38 -15.41 -6.70 -1.82
C LYS A 38 -16.24 -5.80 -0.89
N PHE A 39 -16.72 -4.68 -1.44
CA PHE A 39 -17.60 -3.77 -0.73
C PHE A 39 -18.31 -2.87 -1.76
N GLY A 40 -19.40 -2.23 -1.35
CA GLY A 40 -20.24 -1.45 -2.26
C GLY A 40 -21.58 -1.20 -1.61
N CYS A 41 -22.54 -0.65 -2.37
CA CYS A 41 -23.78 -0.09 -1.79
C CYS A 41 -24.53 -1.02 -0.81
N GLU A 42 -24.67 -2.29 -1.15
CA GLU A 42 -25.50 -3.14 -0.29
C GLU A 42 -24.71 -4.02 0.70
N ILE A 43 -23.43 -3.71 0.88
CA ILE A 43 -22.59 -4.50 1.78
C ILE A 43 -22.27 -3.66 3.02
N ARG A 44 -23.11 -3.78 4.04
CA ARG A 44 -22.98 -2.91 5.22
C ARG A 44 -21.84 -3.33 6.16
N LYS A 45 -21.52 -4.63 6.19
CA LYS A 45 -20.42 -5.15 7.00
C LYS A 45 -19.48 -6.02 6.16
N PRO A 46 -18.52 -5.37 5.48
CA PRO A 46 -17.58 -6.10 4.62
C PRO A 46 -16.78 -7.17 5.38
N GLU A 47 -16.56 -8.32 4.76
CA GLU A 47 -15.76 -9.38 5.37
C GLU A 47 -14.39 -9.46 4.72
N LEU A 48 -13.41 -9.94 5.48
CA LEU A 48 -12.07 -10.14 4.94
C LEU A 48 -11.86 -11.59 4.51
N GLU A 49 -11.45 -11.79 3.25
CA GLU A 49 -11.01 -13.10 2.79
C GLU A 49 -9.63 -13.06 2.16
N LEU A 50 -8.68 -13.74 2.78
CA LEU A 50 -7.32 -13.85 2.28
C LEU A 50 -7.14 -15.22 1.65
N GLU A 51 -6.84 -15.25 0.36
CA GLU A 51 -6.81 -16.48 -0.44
C GLU A 51 -5.89 -17.55 0.11
N GLY A 52 -6.48 -18.67 0.53
CA GLY A 52 -5.72 -19.80 1.05
C GLY A 52 -5.12 -19.52 2.41
N VAL A 53 -5.54 -18.44 3.04
CA VAL A 53 -5.00 -18.07 4.35
C VAL A 53 -6.09 -18.07 5.43
N CYS A 54 -7.16 -17.32 5.21
CA CYS A 54 -8.22 -17.22 6.21
C CYS A 54 -9.51 -16.65 5.62
N GLY A 55 -10.64 -16.96 6.25
CA GLY A 55 -11.92 -16.54 5.73
C GLY A 55 -12.91 -17.70 5.73
N PRO A 56 -14.20 -17.40 5.52
CA PRO A 56 -15.26 -18.41 5.58
C PRO A 56 -15.04 -19.54 4.58
N SER A 57 -14.38 -19.26 3.46
CA SER A 57 -14.14 -20.26 2.40
C SER A 57 -12.95 -21.17 2.66
N VAL A 58 -12.14 -20.84 3.67
CA VAL A 58 -10.90 -21.58 3.92
C VAL A 58 -11.04 -22.44 5.18
N GLY A 59 -12.00 -22.10 6.03
CA GLY A 59 -12.20 -22.84 7.26
C GLY A 59 -11.25 -22.45 8.37
N ASN A 60 -10.65 -21.27 8.25
CA ASN A 60 -9.77 -20.75 9.29
C ASN A 60 -10.08 -19.27 9.46
N PRO A 61 -10.42 -18.84 10.68
CA PRO A 61 -10.88 -17.46 10.85
C PRO A 61 -9.72 -16.45 10.86
N CYS A 62 -9.90 -15.33 10.16
CA CYS A 62 -8.88 -14.27 10.10
C CYS A 62 -8.56 -13.64 11.45
N SER A 63 -9.45 -13.82 12.42
CA SER A 63 -9.22 -13.25 13.75
C SER A 63 -8.08 -13.95 14.48
N PHE A 64 -7.61 -15.07 13.95
CA PHE A 64 -6.43 -15.72 14.54
C PHE A 64 -5.16 -14.86 14.30
N LEU A 65 -5.27 -13.86 13.43
CA LEU A 65 -4.14 -12.99 13.14
C LEU A 65 -3.90 -11.90 14.20
N GLU A 66 -4.83 -11.74 15.14
CA GLU A 66 -4.74 -10.64 16.11
C GLU A 66 -3.39 -10.58 16.87
N SER A 67 -2.91 -11.71 17.38
CA SER A 67 -1.67 -11.70 18.17
C SER A 67 -0.41 -11.49 17.31
N GLN A 68 -0.44 -11.94 16.06
CA GLN A 68 0.66 -11.74 15.14
C GLN A 68 0.77 -10.26 14.75
N ILE A 69 -0.38 -9.62 14.53
CA ILE A 69 -0.41 -8.19 14.24
C ILE A 69 0.23 -7.44 15.39
N LYS A 70 -0.17 -7.79 16.62
CA LYS A 70 0.32 -7.11 17.80
C LYS A 70 1.82 -7.35 18.03
N GLU A 71 2.30 -8.54 17.73
CA GLU A 71 3.73 -8.85 17.82
C GLU A 71 4.54 -7.98 16.85
N CYS A 72 4.07 -7.91 15.61
CA CYS A 72 4.66 -7.03 14.59
C CYS A 72 4.82 -5.58 15.09
N GLN A 73 3.75 -5.02 15.65
CA GLN A 73 3.72 -3.62 16.06
C GLN A 73 4.69 -3.41 17.23
N ARG A 74 4.71 -4.36 18.17
CA ARG A 74 5.63 -4.34 19.30
C ARG A 74 7.09 -4.23 18.85
N MET A 75 7.44 -4.89 17.76
CA MET A 75 8.82 -4.82 17.28
C MET A 75 9.01 -3.71 16.24
N GLY A 76 8.10 -2.75 16.21
CA GLY A 76 8.29 -1.56 15.39
C GLY A 76 7.86 -1.58 13.93
N VAL A 77 7.09 -2.58 13.52
CA VAL A 77 6.57 -2.63 12.15
C VAL A 77 5.18 -2.02 12.09
N LYS A 78 4.89 -1.23 11.05
CA LYS A 78 3.54 -0.66 10.93
C LYS A 78 2.70 -1.59 10.06
N VAL A 79 1.47 -1.83 10.50
CA VAL A 79 0.60 -2.76 9.78
C VAL A 79 -0.61 -2.01 9.25
N PHE A 80 -0.73 -1.95 7.93
CA PHE A 80 -1.83 -1.28 7.22
C PHE A 80 -2.85 -2.30 6.72
N LEU A 81 -4.11 -1.89 6.59
CA LEU A 81 -5.05 -2.64 5.77
C LEU A 81 -5.13 -2.04 4.38
N ALA A 82 -4.94 -2.85 3.34
CA ALA A 82 -5.02 -2.36 1.96
C ALA A 82 -6.41 -2.61 1.36
N LEU A 83 -7.07 -1.54 0.90
CA LEU A 83 -8.32 -1.63 0.15
C LEU A 83 -8.07 -1.89 -1.34
N GLY A 84 -8.96 -2.65 -1.99
CA GLY A 84 -8.93 -2.78 -3.44
C GLY A 84 -8.14 -3.96 -3.99
N GLY A 85 -7.13 -3.65 -4.81
CA GLY A 85 -6.27 -4.65 -5.38
C GLY A 85 -6.59 -5.01 -6.82
N PRO A 86 -5.84 -5.97 -7.38
CA PRO A 86 -5.97 -6.37 -8.80
C PRO A 86 -7.24 -7.19 -9.08
N LYS A 87 -7.89 -7.67 -8.03
CA LYS A 87 -9.07 -8.53 -8.18
C LYS A 87 -10.25 -8.02 -7.35
N GLY A 88 -11.38 -8.71 -7.44
CA GLY A 88 -12.50 -8.39 -6.58
C GLY A 88 -13.47 -7.43 -7.24
N THR A 89 -14.50 -7.04 -6.49
CA THR A 89 -15.50 -6.10 -6.95
C THR A 89 -15.72 -5.02 -5.90
N TYR A 90 -15.10 -3.86 -6.09
CA TYR A 90 -15.21 -2.82 -5.07
C TYR A 90 -15.61 -1.46 -5.62
N SER A 91 -16.43 -0.76 -4.82
CA SER A 91 -16.94 0.58 -5.13
C SER A 91 -17.21 1.37 -3.85
N ALA A 92 -17.01 2.69 -3.91
CA ALA A 92 -17.29 3.53 -2.75
C ALA A 92 -18.76 3.97 -2.75
N CYS A 93 -19.48 3.60 -3.82
CA CYS A 93 -20.95 3.71 -3.92
C CYS A 93 -21.53 5.13 -3.97
N SER A 94 -21.35 5.91 -2.91
CA SER A 94 -22.01 7.22 -2.78
C SER A 94 -21.41 8.02 -1.64
N ALA A 95 -21.79 9.29 -1.55
CA ALA A 95 -21.30 10.16 -0.48
C ALA A 95 -21.80 9.65 0.88
N ASP A 96 -23.01 9.10 0.92
CA ASP A 96 -23.53 8.56 2.17
C ASP A 96 -22.82 7.27 2.59
N TYR A 97 -22.67 6.33 1.64
CA TYR A 97 -22.03 5.05 1.94
C TYR A 97 -20.57 5.26 2.32
N ALA A 98 -19.93 6.27 1.74
CA ALA A 98 -18.55 6.58 2.10
C ALA A 98 -18.42 6.93 3.59
N LYS A 99 -19.43 7.58 4.17
CA LYS A 99 -19.44 7.83 5.63
C LYS A 99 -19.64 6.52 6.41
N ASP A 100 -20.59 5.71 5.97
CA ASP A 100 -20.83 4.40 6.60
C ASP A 100 -19.54 3.59 6.65
N LEU A 101 -18.85 3.53 5.52
CA LEU A 101 -17.65 2.69 5.40
C LEU A 101 -16.46 3.20 6.25
N ALA A 102 -16.24 4.51 6.23
CA ALA A 102 -15.20 5.12 7.07
C ALA A 102 -15.45 4.84 8.54
N GLU A 103 -16.70 4.93 8.99
CA GLU A 103 -17.04 4.62 10.38
C GLU A 103 -16.80 3.13 10.67
N TYR A 104 -17.15 2.28 9.71
CA TYR A 104 -16.92 0.85 9.84
C TYR A 104 -15.43 0.51 10.01
N LEU A 105 -14.59 1.09 9.15
CA LEU A 105 -13.13 0.87 9.24
C LEU A 105 -12.56 1.36 10.56
N HIS A 106 -13.02 2.51 11.04
CA HIS A 106 -12.53 3.04 12.30
C HIS A 106 -12.93 2.15 13.47
N THR A 107 -14.20 1.76 13.54
CA THR A 107 -14.73 0.98 14.67
C THR A 107 -14.10 -0.40 14.77
N TYR A 108 -13.91 -1.06 13.62
CA TYR A 108 -13.53 -2.47 13.60
C TYR A 108 -12.05 -2.74 13.27
N PHE A 109 -11.34 -1.76 12.71
CA PHE A 109 -9.91 -1.96 12.40
C PHE A 109 -8.93 -0.96 13.03
N LEU A 110 -9.41 0.20 13.48
CA LEU A 110 -8.47 1.25 13.88
C LEU A 110 -8.50 1.73 15.33
N SER A 111 -9.34 1.15 16.18
CA SER A 111 -9.48 1.71 17.52
C SER A 111 -9.69 0.73 18.68
N GLU A 112 -9.69 -0.57 18.39
CA GLU A 112 -9.98 -1.62 19.37
C GLU A 112 -11.36 -1.49 20.01
N ARG A 113 -12.26 -0.73 19.39
CA ARG A 113 -13.57 -0.47 19.96
C ARG A 113 -14.45 -1.72 19.96
N ARG A 114 -14.39 -2.50 18.87
CA ARG A 114 -15.12 -3.78 18.80
C ARG A 114 -14.27 -4.87 18.16
N GLU A 115 -14.67 -6.12 18.37
CA GLU A 115 -14.08 -7.25 17.66
C GLU A 115 -14.48 -7.22 16.18
N GLY A 116 -13.50 -7.31 15.29
CA GLY A 116 -13.80 -7.35 13.87
C GLY A 116 -13.11 -8.52 13.18
N PRO A 117 -13.08 -8.51 11.83
CA PRO A 117 -12.51 -9.62 11.06
C PRO A 117 -11.08 -10.01 11.47
N LEU A 118 -10.26 -9.06 11.92
CA LEU A 118 -8.89 -9.38 12.32
C LEU A 118 -8.75 -9.51 13.84
N GLY A 119 -9.89 -9.65 14.50
CA GLY A 119 -9.94 -9.64 15.95
C GLY A 119 -10.05 -8.22 16.49
N LYS A 120 -9.49 -8.00 17.66
CA LYS A 120 -9.58 -6.71 18.29
C LYS A 120 -8.22 -6.01 18.14
N VAL A 121 -8.13 -5.08 17.22
CA VAL A 121 -6.86 -4.45 16.88
C VAL A 121 -7.03 -2.99 16.60
N ALA A 122 -5.90 -2.30 16.56
CA ALA A 122 -5.83 -0.92 16.08
C ALA A 122 -4.68 -0.83 15.08
N LEU A 123 -4.99 -0.94 13.80
CA LEU A 123 -3.97 -0.94 12.76
C LEU A 123 -3.36 0.45 12.59
N ASP A 124 -2.22 0.52 11.93
CA ASP A 124 -1.46 1.76 11.80
C ASP A 124 -1.89 2.64 10.62
N GLY A 125 -2.71 2.10 9.73
CA GLY A 125 -3.18 2.92 8.62
C GLY A 125 -4.06 2.20 7.64
N ILE A 126 -4.63 2.98 6.73
CA ILE A 126 -5.46 2.46 5.63
C ILE A 126 -4.78 2.85 4.31
N HIS A 127 -4.67 1.88 3.39
CA HIS A 127 -3.95 2.02 2.11
C HIS A 127 -4.91 1.87 0.91
N PHE A 128 -5.05 2.92 0.11
CA PHE A 128 -5.97 2.93 -1.05
C PHE A 128 -5.31 2.36 -2.31
N ASP A 129 -5.39 1.04 -2.54
CA ASP A 129 -4.78 0.43 -3.76
C ASP A 129 -5.86 0.27 -4.84
N ILE A 130 -6.38 1.42 -5.32
CA ILE A 130 -7.54 1.45 -6.21
C ILE A 130 -7.10 1.29 -7.67
N GLN A 131 -6.88 0.05 -8.09
CA GLN A 131 -6.36 -0.28 -9.41
C GLN A 131 -7.47 -0.55 -10.42
N LYS A 132 -8.57 -1.12 -9.93
CA LYS A 132 -9.63 -1.58 -10.82
C LYS A 132 -11.02 -1.52 -10.17
N PRO A 133 -11.50 -0.31 -9.83
CA PRO A 133 -12.82 -0.21 -9.19
C PRO A 133 -13.96 -0.27 -10.20
N VAL A 134 -15.20 -0.25 -9.72
CA VAL A 134 -16.36 -0.15 -10.59
C VAL A 134 -16.33 1.19 -11.35
N ASP A 135 -16.20 2.31 -10.64
CA ASP A 135 -15.89 3.56 -11.32
C ASP A 135 -15.02 4.46 -10.45
N GLU A 136 -14.75 5.68 -10.93
CA GLU A 136 -13.79 6.53 -10.27
C GLU A 136 -14.43 7.48 -9.25
N LEU A 137 -15.73 7.37 -9.03
CA LEU A 137 -16.43 8.30 -8.14
C LEU A 137 -16.29 7.92 -6.66
N ASN A 138 -16.33 8.95 -5.81
CA ASN A 138 -16.48 8.82 -4.36
C ASN A 138 -15.25 8.38 -3.56
N TRP A 139 -14.14 8.09 -4.24
CA TRP A 139 -12.91 7.75 -3.53
C TRP A 139 -12.39 8.97 -2.75
N ASP A 140 -12.60 10.17 -3.28
CA ASP A 140 -12.22 11.37 -2.54
C ASP A 140 -13.10 11.53 -1.30
N ASN A 141 -14.39 11.22 -1.43
CA ASN A 141 -15.29 11.25 -0.26
C ASN A 141 -14.84 10.29 0.84
N LEU A 142 -14.46 9.06 0.46
CA LEU A 142 -14.00 8.07 1.45
C LEU A 142 -12.77 8.58 2.21
N LEU A 143 -11.79 9.07 1.46
CA LEU A 143 -10.61 9.71 2.04
C LEU A 143 -10.97 10.84 2.99
N GLU A 144 -11.81 11.79 2.53
CA GLU A 144 -12.16 12.95 3.37
C GLU A 144 -12.95 12.57 4.64
N GLU A 145 -13.80 11.54 4.57
CA GLU A 145 -14.48 11.09 5.80
C GLU A 145 -13.52 10.47 6.82
N LEU A 146 -12.55 9.67 6.36
CA LEU A 146 -11.56 9.08 7.27
C LEU A 146 -10.67 10.18 7.89
N TYR A 147 -10.30 11.15 7.08
CA TYR A 147 -9.49 12.28 7.52
C TYR A 147 -10.21 13.04 8.64
N GLN A 148 -11.52 13.24 8.48
N GLN A 148 -11.52 13.24 8.46
CA GLN A 148 -12.31 13.95 9.49
CA GLN A 148 -12.37 13.91 9.44
C GLN A 148 -12.41 13.17 10.81
C GLN A 148 -12.41 13.17 10.77
N ILE A 149 -12.57 11.85 10.70
CA ILE A 149 -12.65 11.01 11.88
C ILE A 149 -11.34 11.11 12.68
N LYS A 150 -10.22 11.19 11.96
CA LYS A 150 -8.90 11.34 12.57
C LYS A 150 -8.85 12.59 13.47
N ASP A 151 -9.40 13.70 13.00
CA ASP A 151 -9.47 14.95 13.77
C ASP A 151 -10.37 14.83 15.02
N VAL A 152 -11.49 14.15 14.86
CA VAL A 152 -12.49 14.00 15.93
C VAL A 152 -11.92 13.27 17.14
N TYR A 153 -11.24 12.14 16.91
CA TYR A 153 -10.65 11.34 17.98
C TYR A 153 -9.18 11.65 18.27
N GLN A 154 -8.63 12.63 17.56
CA GLN A 154 -7.19 12.93 17.63
C GLN A 154 -6.35 11.66 17.52
N SER A 155 -6.62 10.85 16.50
CA SER A 155 -5.89 9.59 16.29
C SER A 155 -4.63 9.82 15.49
N THR A 156 -3.80 8.78 15.40
CA THR A 156 -2.53 8.93 14.68
C THR A 156 -2.40 8.00 13.48
N PHE A 157 -3.48 7.28 13.09
CA PHE A 157 -3.34 6.37 11.95
C PHE A 157 -3.02 7.14 10.68
N LEU A 158 -2.43 6.45 9.71
CA LEU A 158 -1.95 7.05 8.46
C LEU A 158 -2.86 6.69 7.30
N LEU A 159 -2.84 7.53 6.26
CA LEU A 159 -3.59 7.27 5.03
C LEU A 159 -2.66 7.32 3.82
N SER A 160 -2.69 6.28 2.99
CA SER A 160 -1.80 6.21 1.82
C SER A 160 -2.52 5.73 0.54
N ALA A 161 -1.89 5.98 -0.60
CA ALA A 161 -2.47 5.54 -1.86
C ALA A 161 -1.42 4.92 -2.77
N ALA A 162 -1.89 4.14 -3.76
CA ALA A 162 -1.00 3.54 -4.75
C ALA A 162 -1.55 3.74 -6.17
N PRO A 163 -1.34 4.96 -6.73
CA PRO A 163 -1.72 5.27 -8.11
C PRO A 163 -0.75 4.60 -9.10
N GLY A 164 -1.12 4.55 -10.38
CA GLY A 164 -0.21 4.12 -11.43
C GLY A 164 0.80 5.22 -11.72
N CYS A 165 1.82 4.92 -12.53
CA CYS A 165 2.92 5.88 -12.67
C CYS A 165 2.64 6.99 -13.70
N LEU A 166 1.53 6.91 -14.42
CA LEU A 166 1.18 7.97 -15.36
C LEU A 166 0.25 9.00 -14.73
N SER A 167 0.77 10.19 -14.48
CA SER A 167 -0.03 11.28 -13.92
C SER A 167 -0.77 12.02 -15.04
N PRO A 168 -2.06 12.37 -14.82
CA PRO A 168 -2.88 12.13 -13.63
C PRO A 168 -3.53 10.74 -13.63
N ASP A 169 -3.70 10.17 -12.45
CA ASP A 169 -4.25 8.82 -12.30
C ASP A 169 -5.74 8.83 -12.62
N GLU A 170 -6.20 7.83 -13.35
CA GLU A 170 -7.61 7.71 -13.75
C GLU A 170 -8.58 7.66 -12.59
N TYR A 171 -8.20 6.99 -11.51
CA TYR A 171 -9.12 6.75 -10.39
C TYR A 171 -8.86 7.59 -9.13
N LEU A 172 -7.59 7.88 -8.84
CA LEU A 172 -7.24 8.53 -7.58
C LEU A 172 -6.86 10.02 -7.65
N ASP A 173 -6.97 10.66 -8.82
CA ASP A 173 -6.47 12.03 -8.93
C ASP A 173 -7.22 13.05 -8.06
N ASN A 174 -8.56 13.00 -8.07
CA ASN A 174 -9.35 13.86 -7.19
C ASN A 174 -8.97 13.68 -5.72
N ALA A 175 -8.81 12.43 -5.31
CA ALA A 175 -8.42 12.15 -3.93
C ALA A 175 -7.00 12.70 -3.64
N ILE A 176 -6.09 12.53 -4.58
CA ILE A 176 -4.71 12.93 -4.31
C ILE A 176 -4.63 14.47 -4.25
N GLN A 177 -5.47 15.15 -5.03
CA GLN A 177 -5.45 16.62 -5.07
C GLN A 177 -6.00 17.28 -3.80
N THR A 178 -6.58 16.49 -2.89
CA THR A 178 -7.04 17.01 -1.59
C THR A 178 -5.86 17.33 -0.69
N ARG A 179 -4.70 16.79 -1.02
CA ARG A 179 -3.46 16.93 -0.26
C ARG A 179 -3.51 16.25 1.11
N HIS A 180 -4.44 15.31 1.29
CA HIS A 180 -4.65 14.70 2.62
C HIS A 180 -4.17 13.25 2.79
N PHE A 181 -3.50 12.67 1.80
CA PHE A 181 -2.77 11.41 2.04
C PHE A 181 -1.45 11.72 2.76
N ASP A 182 -1.04 10.84 3.68
CA ASP A 182 0.29 10.97 4.27
C ASP A 182 1.42 10.45 3.35
N TYR A 183 1.12 9.38 2.60
CA TYR A 183 2.10 8.72 1.72
C TYR A 183 1.52 8.38 0.34
N ILE A 184 2.35 8.54 -0.70
CA ILE A 184 1.99 8.09 -2.04
C ILE A 184 2.98 7.03 -2.52
N PHE A 185 2.48 5.83 -2.83
CA PHE A 185 3.30 4.74 -3.36
C PHE A 185 3.05 4.62 -4.86
N VAL A 186 3.94 5.15 -5.69
CA VAL A 186 3.69 5.19 -7.12
C VAL A 186 4.07 3.87 -7.79
N ARG A 187 3.14 3.26 -8.51
CA ARG A 187 3.40 1.95 -9.14
C ARG A 187 4.15 2.06 -10.48
N PHE A 188 5.47 1.88 -10.42
CA PHE A 188 6.31 1.96 -11.61
C PHE A 188 6.47 0.62 -12.33
N TYR A 189 5.36 -0.06 -12.62
CA TYR A 189 5.43 -1.28 -13.42
C TYR A 189 4.11 -1.50 -14.17
N ASN A 190 4.13 -2.41 -15.14
CA ASN A 190 2.99 -2.69 -16.01
C ASN A 190 2.53 -1.47 -16.83
N ASP A 191 3.46 -0.59 -17.18
CA ASP A 191 3.17 0.56 -18.06
C ASP A 191 4.43 1.04 -18.75
N ARG A 192 4.52 0.79 -20.05
CA ARG A 192 5.73 1.10 -20.78
C ARG A 192 6.02 2.60 -20.86
N SER A 193 5.03 3.45 -20.63
CA SER A 193 5.31 4.86 -20.80
C SER A 193 6.05 5.46 -19.60
N CYS A 194 6.11 4.75 -18.48
CA CYS A 194 6.72 5.35 -17.30
C CYS A 194 7.61 4.40 -16.45
N GLN A 195 7.85 3.17 -16.92
CA GLN A 195 8.68 2.23 -16.17
C GLN A 195 10.13 2.12 -16.69
N TYR A 196 10.98 1.52 -15.86
CA TYR A 196 12.37 1.17 -16.24
C TYR A 196 12.43 0.13 -17.37
N SER A 197 13.47 0.23 -18.19
CA SER A 197 13.88 -0.89 -19.05
C SER A 197 15.41 -0.86 -19.18
N THR A 198 16.00 -1.96 -19.63
CA THR A 198 17.46 -2.08 -19.60
C THR A 198 18.10 -0.98 -20.41
N GLY A 199 18.97 -0.20 -19.77
CA GLY A 199 19.69 0.85 -20.45
C GLY A 199 18.89 2.12 -20.74
N ASN A 200 17.77 2.28 -20.06
CA ASN A 200 16.95 3.48 -20.23
C ASN A 200 16.22 3.86 -18.96
N ILE A 201 16.76 4.84 -18.23
CA ILE A 201 16.08 5.35 -17.05
C ILE A 201 15.30 6.65 -17.34
N GLN A 202 15.25 7.09 -18.60
CA GLN A 202 14.73 8.41 -18.89
C GLN A 202 13.23 8.49 -18.60
N ARG A 203 12.49 7.42 -18.87
CA ARG A 203 11.04 7.50 -18.70
C ARG A 203 10.61 7.43 -17.22
N ILE A 204 11.29 6.62 -16.43
CA ILE A 204 10.96 6.53 -15.01
C ILE A 204 11.41 7.80 -14.28
N ARG A 205 12.58 8.32 -14.62
CA ARG A 205 13.07 9.59 -14.08
C ARG A 205 12.11 10.75 -14.33
N ASN A 206 11.65 10.88 -15.57
CA ASN A 206 10.70 11.90 -15.93
C ASN A 206 9.39 11.75 -15.16
N ALA A 207 8.93 10.51 -15.02
CA ALA A 207 7.67 10.24 -14.30
C ALA A 207 7.78 10.54 -12.81
N TRP A 208 8.93 10.20 -12.21
CA TRP A 208 9.20 10.59 -10.82
C TRP A 208 9.11 12.11 -10.71
N LEU A 209 9.74 12.82 -11.64
CA LEU A 209 9.68 14.27 -11.65
C LEU A 209 8.23 14.80 -11.72
N SER A 210 7.40 14.21 -12.57
CA SER A 210 5.99 14.64 -12.67
C SER A 210 5.26 14.50 -11.34
N TRP A 211 5.53 13.40 -10.64
CA TRP A 211 4.88 13.18 -9.34
C TRP A 211 5.37 14.12 -8.22
N THR A 212 6.64 14.52 -8.25
CA THR A 212 7.09 15.50 -7.24
C THR A 212 6.43 16.86 -7.45
N LYS A 213 6.07 17.17 -8.68
CA LYS A 213 5.44 18.47 -8.97
C LYS A 213 3.96 18.52 -8.64
N SER A 214 3.27 17.40 -8.76
CA SER A 214 1.82 17.39 -8.57
C SER A 214 1.36 16.87 -7.19
N VAL A 215 2.28 16.38 -6.38
CA VAL A 215 1.92 15.97 -5.02
C VAL A 215 2.37 16.99 -3.99
N TYR A 216 1.41 17.56 -3.26
CA TYR A 216 1.69 18.43 -2.11
C TYR A 216 1.21 17.79 -0.81
N PRO A 217 1.83 18.16 0.33
CA PRO A 217 2.94 19.12 0.51
C PRO A 217 4.31 18.55 0.12
N ARG A 218 5.33 19.39 0.19
CA ARG A 218 6.65 19.02 -0.27
C ARG A 218 7.47 18.31 0.82
N ASP A 219 6.90 17.27 1.42
CA ASP A 219 7.57 16.50 2.49
C ASP A 219 8.18 15.21 1.96
N LYS A 220 8.73 14.40 2.85
CA LYS A 220 9.21 13.08 2.46
C LYS A 220 8.06 12.11 2.40
N ASN A 221 7.25 12.21 1.35
CA ASN A 221 6.02 11.44 1.27
C ASN A 221 5.88 10.53 0.05
N LEU A 222 6.97 10.35 -0.70
CA LEU A 222 6.95 9.52 -1.92
C LEU A 222 7.79 8.24 -1.85
N PHE A 223 7.14 7.11 -2.18
CA PHE A 223 7.76 5.78 -2.33
C PHE A 223 7.71 5.31 -3.80
N LEU A 224 8.69 4.51 -4.23
CA LEU A 224 8.55 3.73 -5.45
C LEU A 224 7.97 2.36 -5.12
N GLU A 225 6.90 1.95 -5.80
CA GLU A 225 6.45 0.57 -5.68
C GLU A 225 6.94 -0.19 -6.91
N LEU A 226 7.64 -1.30 -6.67
CA LEU A 226 8.28 -2.09 -7.74
C LEU A 226 7.98 -3.58 -7.59
N PRO A 227 8.05 -4.35 -8.69
CA PRO A 227 7.90 -5.81 -8.55
C PRO A 227 9.14 -6.44 -7.94
N ALA A 228 8.99 -7.46 -7.08
CA ALA A 228 10.17 -8.09 -6.49
C ALA A 228 10.74 -9.21 -7.37
N SER A 229 10.12 -9.45 -8.51
CA SER A 229 10.68 -10.39 -9.47
C SER A 229 10.08 -10.15 -10.84
N GLN A 230 10.70 -10.74 -11.85
CA GLN A 230 10.25 -10.61 -13.22
C GLN A 230 8.88 -11.23 -13.42
N ALA A 231 8.57 -12.24 -12.61
CA ALA A 231 7.34 -12.99 -12.76
C ALA A 231 6.09 -12.23 -12.31
N THR A 232 6.22 -11.33 -11.33
CA THR A 232 5.05 -10.58 -10.87
C THR A 232 4.81 -9.28 -11.66
N ALA A 233 5.53 -9.10 -12.76
CA ALA A 233 5.28 -7.95 -13.64
C ALA A 233 5.32 -8.34 -15.11
N PRO A 234 4.29 -9.06 -15.59
CA PRO A 234 4.34 -9.53 -16.98
C PRO A 234 4.29 -8.37 -17.98
N GLY A 235 3.92 -7.18 -17.50
CA GLY A 235 3.89 -5.99 -18.34
C GLY A 235 5.20 -5.22 -18.35
N GLY A 236 6.23 -5.75 -17.70
CA GLY A 236 7.53 -5.07 -17.59
C GLY A 236 7.69 -4.27 -16.31
N GLY A 237 8.88 -3.72 -16.07
CA GLY A 237 9.09 -2.83 -14.94
C GLY A 237 10.12 -3.29 -13.90
N TYR A 238 10.50 -4.56 -13.93
CA TYR A 238 11.47 -5.08 -12.97
C TYR A 238 12.84 -4.39 -13.11
N ILE A 239 13.42 -4.03 -11.96
CA ILE A 239 14.72 -3.35 -11.86
C ILE A 239 15.64 -4.19 -10.99
N PRO A 240 16.69 -4.78 -11.58
CA PRO A 240 17.63 -5.55 -10.75
C PRO A 240 18.23 -4.67 -9.66
N PRO A 241 18.43 -5.25 -8.46
CA PRO A 241 18.92 -4.54 -7.26
C PRO A 241 20.16 -3.66 -7.50
N SER A 242 21.16 -4.15 -8.23
CA SER A 242 22.35 -3.34 -8.51
C SER A 242 22.03 -2.15 -9.44
N ALA A 243 21.10 -2.34 -10.36
CA ALA A 243 20.65 -1.23 -11.21
C ALA A 243 19.85 -0.19 -10.42
N LEU A 244 18.96 -0.64 -9.53
CA LEU A 244 18.23 0.29 -8.64
C LEU A 244 19.19 1.21 -7.89
N ILE A 245 20.11 0.60 -7.14
CA ILE A 245 21.04 1.33 -6.29
C ILE A 245 22.03 2.17 -7.07
N GLY A 246 22.53 1.62 -8.17
CA GLY A 246 23.60 2.28 -8.91
C GLY A 246 23.18 3.20 -10.06
N GLN A 247 22.11 2.84 -10.76
CA GLN A 247 21.71 3.57 -11.97
C GLN A 247 20.42 4.39 -11.86
N VAL A 248 19.61 4.16 -10.83
CA VAL A 248 18.30 4.80 -10.79
C VAL A 248 18.18 5.80 -9.65
N LEU A 249 18.32 5.33 -8.40
CA LEU A 249 18.14 6.19 -7.22
C LEU A 249 19.02 7.45 -7.18
N PRO A 250 20.33 7.34 -7.49
CA PRO A 250 21.14 8.57 -7.43
C PRO A 250 20.66 9.69 -8.38
N TYR A 251 19.85 9.31 -9.37
CA TYR A 251 19.48 10.21 -10.43
C TYR A 251 18.01 10.65 -10.43
N LEU A 252 17.31 10.43 -9.32
CA LEU A 252 15.96 10.98 -9.15
C LEU A 252 16.02 12.37 -8.54
N PRO A 253 15.45 13.36 -9.24
CA PRO A 253 15.43 14.76 -8.76
C PRO A 253 14.70 14.90 -7.42
N ASP A 254 15.27 15.70 -6.52
CA ASP A 254 14.71 15.97 -5.19
C ASP A 254 14.59 14.73 -4.34
N LEU A 255 15.52 13.80 -4.54
CA LEU A 255 15.59 12.61 -3.71
C LEU A 255 15.74 12.99 -2.22
N GLN A 256 16.55 14.01 -1.95
CA GLN A 256 16.87 14.37 -0.56
C GLN A 256 15.68 14.83 0.27
N THR A 257 14.71 15.47 -0.38
CA THR A 257 13.60 16.05 0.36
C THR A 257 12.31 15.24 0.19
N ARG A 258 12.18 14.52 -0.92
CA ARG A 258 10.90 13.88 -1.23
C ARG A 258 10.87 12.35 -1.06
N TYR A 259 12.01 11.69 -1.24
CA TYR A 259 12.05 10.20 -1.28
C TYR A 259 11.95 9.57 0.10
N ALA A 260 11.01 8.63 0.26
CA ALA A 260 10.82 7.97 1.55
C ALA A 260 11.30 6.50 1.55
N GLY A 261 11.33 5.88 0.39
CA GLY A 261 11.75 4.49 0.31
C GLY A 261 11.05 3.70 -0.78
N ILE A 262 11.04 2.36 -0.66
CA ILE A 262 10.43 1.51 -1.69
C ILE A 262 9.39 0.52 -1.14
N ALA A 263 8.44 0.15 -1.99
CA ALA A 263 7.46 -0.89 -1.65
C ALA A 263 7.57 -2.03 -2.64
N LEU A 264 7.49 -3.27 -2.14
CA LEU A 264 7.69 -4.46 -2.99
C LEU A 264 6.43 -5.32 -3.16
N TRP A 265 6.05 -5.52 -4.41
CA TRP A 265 4.97 -6.45 -4.77
C TRP A 265 5.61 -7.76 -5.27
N ASN A 266 5.55 -8.86 -4.52
CA ASN A 266 4.92 -9.01 -3.20
C ASN A 266 5.85 -9.88 -2.31
N ARG A 267 5.40 -10.24 -1.10
CA ARG A 267 6.25 -11.01 -0.17
C ARG A 267 6.73 -12.35 -0.76
N GLN A 268 5.84 -13.09 -1.41
CA GLN A 268 6.22 -14.34 -2.05
C GLN A 268 7.38 -14.13 -3.03
N ALA A 269 7.22 -13.17 -3.94
CA ALA A 269 8.27 -12.84 -4.91
C ALA A 269 9.59 -12.48 -4.22
N ASP A 270 9.51 -11.80 -3.08
CA ASP A 270 10.70 -11.33 -2.37
C ASP A 270 11.50 -12.50 -1.76
N LYS A 271 10.78 -13.48 -1.20
CA LYS A 271 11.38 -14.71 -0.64
C LYS A 271 12.15 -15.49 -1.68
N GLU A 272 11.57 -15.58 -2.87
CA GLU A 272 12.11 -16.34 -3.98
C GLU A 272 13.41 -15.78 -4.57
N THR A 273 13.57 -14.45 -4.54
CA THR A 273 14.70 -13.82 -5.22
C THR A 273 15.69 -13.07 -4.31
N GLY A 274 15.35 -12.89 -3.03
CA GLY A 274 16.23 -12.17 -2.12
C GLY A 274 16.38 -10.68 -2.42
N TYR A 275 15.35 -10.08 -3.04
CA TYR A 275 15.46 -8.70 -3.48
C TYR A 275 15.81 -7.77 -2.33
N SER A 276 15.00 -7.76 -1.28
CA SER A 276 15.20 -6.79 -0.19
C SER A 276 16.47 -7.09 0.62
N THR A 277 16.89 -8.35 0.63
CA THR A 277 18.11 -8.73 1.33
C THR A 277 19.32 -8.10 0.61
N ASN A 278 19.31 -8.13 -0.71
CA ASN A 278 20.40 -7.53 -1.48
C ASN A 278 20.39 -6.00 -1.44
N ILE A 279 19.22 -5.38 -1.36
CA ILE A 279 19.12 -3.92 -1.21
C ILE A 279 19.73 -3.45 0.11
N ILE A 280 19.35 -4.13 1.18
CA ILE A 280 19.80 -3.79 2.53
C ILE A 280 21.33 -3.88 2.66
N ARG A 281 21.93 -4.86 2.00
CA ARG A 281 23.38 -5.00 1.98
C ARG A 281 24.06 -3.76 1.41
N TYR A 282 23.48 -3.20 0.35
CA TYR A 282 24.07 -2.04 -0.33
C TYR A 282 23.52 -0.70 0.16
N LEU A 283 23.15 -0.63 1.45
CA LEU A 283 22.73 0.64 2.02
C LEU A 283 23.78 1.20 2.98
#